data_3RHI
#
_entry.id   3RHI
#
_cell.length_a   123.984
_cell.length_b   43.105
_cell.length_c   85.141
_cell.angle_alpha   90.00
_cell.angle_beta   125.65
_cell.angle_gamma   90.00
#
_symmetry.space_group_name_H-M   'C 1 2 1'
#
loop_
_entity.id
_entity.type
_entity.pdbx_description
1 polymer 'DNA-binding protein HU'
2 water water
#
_entity_poly.entity_id   1
_entity_poly.type   'polypeptide(L)'
_entity_poly.pdbx_seq_one_letter_code
;SNAMNKTELIKNVAQNAEISQKEATVVVQTVVESITNTLAAGEKVQLIGFGTFEVRERAARTGRNPQTGEEMQIAASKVP
AFKAGKELKEAVK
;
_entity_poly.pdbx_strand_id   A,B,C,D
#
# COMPACT_ATOMS: atom_id res chain seq x y z
N THR A 7 23.04 -9.60 -0.91
CA THR A 7 24.33 -10.36 -1.05
C THR A 7 24.44 -11.31 -2.26
N GLU A 8 23.32 -11.67 -2.87
CA GLU A 8 23.31 -12.20 -4.25
C GLU A 8 23.74 -11.09 -5.25
N LEU A 9 23.42 -9.85 -4.91
CA LEU A 9 23.74 -8.67 -5.73
C LEU A 9 25.25 -8.44 -5.69
N ILE A 10 25.82 -8.62 -4.51
CA ILE A 10 27.24 -8.38 -4.32
C ILE A 10 27.99 -9.52 -4.99
N LYS A 11 27.45 -10.72 -4.86
CA LYS A 11 27.95 -11.83 -5.67
C LYS A 11 27.96 -11.56 -7.18
N ASN A 12 26.95 -10.88 -7.72
CA ASN A 12 26.93 -10.73 -9.17
C ASN A 12 28.00 -9.73 -9.60
N VAL A 13 28.29 -8.77 -8.72
CA VAL A 13 29.27 -7.73 -8.97
C VAL A 13 30.72 -8.25 -8.91
N ALA A 14 31.05 -8.91 -7.81
CA ALA A 14 32.34 -9.62 -7.72
C ALA A 14 32.55 -10.50 -8.95
N GLN A 15 31.54 -11.28 -9.31
CA GLN A 15 31.61 -12.15 -10.50
C GLN A 15 31.76 -11.39 -11.82
N ASN A 16 30.92 -10.38 -12.06
CA ASN A 16 30.94 -9.71 -13.37
C ASN A 16 32.11 -8.78 -13.54
N ALA A 17 32.51 -8.11 -12.44
CA ALA A 17 33.70 -7.24 -12.45
C ALA A 17 35.05 -7.95 -12.14
N GLU A 18 34.98 -9.16 -11.60
CA GLU A 18 36.20 -9.91 -11.30
C GLU A 18 37.03 -9.24 -10.20
N ILE A 19 36.43 -9.07 -9.04
CA ILE A 19 37.07 -8.40 -7.90
C ILE A 19 36.68 -9.13 -6.59
N SER A 20 37.20 -8.67 -5.44
CA SER A 20 36.84 -9.27 -4.15
C SER A 20 35.39 -8.90 -3.73
N GLN A 21 34.77 -9.72 -2.88
CA GLN A 21 33.46 -9.40 -2.29
C GLN A 21 33.49 -8.07 -1.51
N LYS A 22 34.59 -7.87 -0.78
CA LYS A 22 34.86 -6.65 -0.04
C LYS A 22 34.95 -5.43 -0.94
N GLU A 23 35.65 -5.51 -2.08
CA GLU A 23 35.68 -4.43 -3.07
C GLU A 23 34.31 -4.18 -3.71
N ALA A 24 33.59 -5.26 -4.03
CA ALA A 24 32.25 -5.19 -4.60
C ALA A 24 31.34 -4.50 -3.58
N THR A 25 31.54 -4.81 -2.30
CA THR A 25 30.90 -4.07 -1.23
C THR A 25 31.19 -2.56 -1.37
N VAL A 26 32.46 -2.22 -1.28
CA VAL A 26 32.87 -0.82 -1.37
C VAL A 26 32.29 -0.14 -2.60
N VAL A 27 32.35 -0.83 -3.72
CA VAL A 27 31.96 -0.21 -4.95
C VAL A 27 30.43 0.02 -5.00
N VAL A 28 29.68 -0.95 -4.49
CA VAL A 28 28.25 -0.81 -4.39
C VAL A 28 27.84 0.30 -3.42
N GLN A 29 28.57 0.44 -2.32
CA GLN A 29 28.36 1.55 -1.38
CA GLN A 29 28.21 1.54 -1.43
C GLN A 29 28.50 2.91 -2.09
N THR A 30 29.45 2.97 -3.05
CA THR A 30 29.72 4.24 -3.76
C THR A 30 28.51 4.54 -4.62
N VAL A 31 27.99 3.50 -5.25
CA VAL A 31 26.75 3.65 -6.04
C VAL A 31 25.64 4.13 -5.13
N VAL A 32 25.45 3.47 -3.99
CA VAL A 32 24.40 3.94 -3.09
C VAL A 32 24.56 5.43 -2.71
N GLU A 33 25.79 5.83 -2.39
CA GLU A 33 26.06 7.19 -1.99
C GLU A 33 25.83 8.26 -3.08
N SER A 34 26.24 8.05 -4.32
CA SER A 34 26.05 9.12 -5.31
C SER A 34 24.59 9.40 -5.43
N ILE A 35 23.84 8.31 -5.49
CA ILE A 35 22.42 8.32 -5.68
C ILE A 35 21.78 9.03 -4.53
N THR A 36 22.18 8.64 -3.30
CA THR A 36 21.72 9.25 -2.04
C THR A 36 22.10 10.75 -1.96
N ASN A 37 23.27 11.12 -2.51
CA ASN A 37 23.73 12.52 -2.44
C ASN A 37 22.94 13.42 -3.34
N THR A 38 22.61 12.90 -4.54
CA THR A 38 21.81 13.60 -5.53
C THR A 38 20.43 13.74 -4.94
N LEU A 39 19.79 12.63 -4.55
CA LEU A 39 18.49 12.74 -3.88
C LEU A 39 18.51 13.76 -2.70
N ALA A 40 19.57 13.75 -1.90
CA ALA A 40 19.72 14.65 -0.74
C ALA A 40 19.79 16.13 -1.17
N ALA A 41 20.23 16.37 -2.40
CA ALA A 41 20.31 17.72 -2.92
C ALA A 41 19.00 18.14 -3.60
N GLY A 42 17.95 17.34 -3.50
CA GLY A 42 16.70 17.66 -4.21
C GLY A 42 16.62 17.24 -5.69
N GLU A 43 17.74 16.76 -6.27
CA GLU A 43 17.74 16.31 -7.65
C GLU A 43 17.37 14.85 -7.89
N LYS A 44 17.04 14.56 -9.15
CA LYS A 44 16.66 13.21 -9.55
C LYS A 44 17.83 12.38 -10.06
N VAL A 45 17.63 11.07 -9.99
CA VAL A 45 18.56 10.10 -10.53
C VAL A 45 17.76 9.30 -11.56
N GLN A 46 18.04 9.47 -12.83
CA GLN A 46 17.23 8.83 -13.87
C GLN A 46 17.97 7.73 -14.56
N LEU A 47 17.48 6.50 -14.48
CA LEU A 47 18.15 5.34 -15.11
C LEU A 47 17.45 4.71 -16.35
N ILE A 48 17.85 5.13 -17.56
CA ILE A 48 17.32 4.52 -18.80
C ILE A 48 17.04 3.01 -18.71
N GLY A 49 15.82 2.63 -19.06
CA GLY A 49 15.40 1.25 -19.05
C GLY A 49 15.34 0.55 -17.69
N PHE A 50 15.13 1.31 -16.62
CA PHE A 50 15.00 0.73 -15.30
C PHE A 50 13.98 1.60 -14.61
N GLY A 51 14.40 2.79 -14.15
CA GLY A 51 13.47 3.81 -13.64
C GLY A 51 14.13 4.99 -12.97
N THR A 52 13.34 5.89 -12.39
CA THR A 52 13.82 7.14 -11.80
C THR A 52 13.57 7.27 -10.28
N PHE A 53 14.55 7.83 -9.60
CA PHE A 53 14.40 8.18 -8.20
C PHE A 53 14.32 9.67 -8.03
N GLU A 54 13.49 10.06 -7.07
CA GLU A 54 13.17 11.46 -6.88
C GLU A 54 12.62 11.75 -5.47
N VAL A 55 12.54 13.02 -5.14
CA VAL A 55 12.11 13.41 -3.83
C VAL A 55 10.77 14.11 -3.89
N ARG A 56 9.80 13.45 -3.24
CA ARG A 56 8.39 13.83 -3.21
C ARG A 56 8.22 14.88 -2.11
N GLU A 57 8.14 16.14 -2.54
CA GLU A 57 8.12 17.27 -1.61
C GLU A 57 6.70 17.76 -1.39
N ARG A 58 6.35 17.94 -0.12
CA ARG A 58 5.01 18.44 0.22
C ARG A 58 5.06 19.53 1.26
N ALA A 59 4.47 20.67 0.88
CA ALA A 59 4.42 21.88 1.67
C ALA A 59 3.54 21.75 2.92
N ALA A 60 3.95 22.48 3.96
CA ALA A 60 3.16 22.69 5.19
C ALA A 60 1.72 23.01 4.80
N ARG A 61 0.79 22.39 5.51
CA ARG A 61 -0.65 22.60 5.27
C ARG A 61 -1.31 22.70 6.63
N THR A 62 -2.43 23.42 6.68
CA THR A 62 -3.27 23.39 7.86
C THR A 62 -4.50 22.51 7.54
N GLY A 63 -4.68 21.44 8.30
CA GLY A 63 -5.81 20.56 8.08
C GLY A 63 -6.89 20.61 9.15
N ARG A 64 -7.34 19.41 9.55
CA ARG A 64 -8.47 19.24 10.44
C ARG A 64 -8.36 17.95 11.24
N ASN A 65 -8.22 18.05 12.57
CA ASN A 65 -8.24 16.87 13.43
C ASN A 65 -9.47 15.95 13.16
N PRO A 66 -9.20 14.66 12.84
CA PRO A 66 -10.27 13.72 12.49
C PRO A 66 -11.16 13.43 13.69
N GLN A 67 -10.62 13.64 14.90
CA GLN A 67 -11.34 13.45 16.17
C GLN A 67 -12.28 14.61 16.56
N THR A 68 -11.78 15.85 16.45
CA THR A 68 -12.41 17.03 17.06
C THR A 68 -12.96 18.13 16.12
N GLY A 69 -12.67 18.05 14.80
CA GLY A 69 -13.02 19.16 13.85
C GLY A 69 -12.26 20.48 14.10
N GLU A 70 -11.53 20.43 15.17
CA GLU A 70 -10.47 21.40 15.50
C GLU A 70 -9.30 21.42 14.47
N GLU A 71 -8.75 22.61 14.20
CA GLU A 71 -7.63 22.77 13.26
C GLU A 71 -6.38 21.97 13.63
N MET A 72 -5.56 21.70 12.64
CA MET A 72 -4.45 20.78 12.81
C MET A 72 -3.40 21.17 11.81
N GLN A 73 -2.29 21.71 12.26
CA GLN A 73 -1.14 21.85 11.38
C GLN A 73 -0.66 20.48 10.87
N ILE A 74 -0.36 20.42 9.58
CA ILE A 74 0.20 19.25 8.97
C ILE A 74 1.58 19.66 8.50
N ALA A 75 2.63 18.98 8.97
CA ALA A 75 3.99 19.41 8.68
C ALA A 75 4.42 19.13 7.22
N ALA A 76 5.36 19.94 6.73
CA ALA A 76 6.01 19.69 5.42
C ALA A 76 6.69 18.34 5.44
N SER A 77 6.87 17.75 4.25
CA SER A 77 7.63 16.51 4.16
C SER A 77 8.40 16.31 2.86
N LYS A 78 9.32 15.34 2.92
CA LYS A 78 10.16 14.98 1.82
C LYS A 78 10.24 13.45 1.77
N VAL A 79 9.61 12.83 0.77
CA VAL A 79 9.53 11.36 0.67
C VAL A 79 10.39 10.82 -0.51
N PRO A 80 11.37 9.95 -0.21
CA PRO A 80 12.08 9.31 -1.35
C PRO A 80 11.15 8.38 -2.15
N ALA A 81 11.12 8.54 -3.48
CA ALA A 81 10.29 7.72 -4.38
C ALA A 81 11.07 7.13 -5.58
N PHE A 82 10.59 5.98 -6.07
CA PHE A 82 11.13 5.32 -7.25
C PHE A 82 9.99 5.10 -8.27
N LYS A 83 10.20 5.55 -9.51
CA LYS A 83 9.24 5.26 -10.54
C LYS A 83 9.81 4.25 -11.50
N ALA A 84 9.27 3.04 -11.50
CA ALA A 84 9.76 2.03 -12.41
C ALA A 84 9.38 2.36 -13.87
N GLY A 85 10.28 2.12 -14.80
CA GLY A 85 9.95 2.26 -16.22
C GLY A 85 9.23 1.03 -16.77
N LYS A 86 8.91 1.11 -18.06
CA LYS A 86 8.21 0.03 -18.77
C LYS A 86 8.99 -1.28 -18.81
N GLU A 87 10.31 -1.20 -19.00
CA GLU A 87 11.11 -2.40 -19.11
CA GLU A 87 11.20 -2.37 -19.07
C GLU A 87 11.05 -3.23 -17.83
N LEU A 88 11.03 -2.55 -16.67
CA LEU A 88 10.96 -3.19 -15.38
C LEU A 88 9.52 -3.63 -15.06
N LYS A 89 8.53 -2.85 -15.47
CA LYS A 89 7.14 -3.18 -15.17
C LYS A 89 6.72 -4.46 -15.87
N GLU A 90 7.21 -4.62 -17.09
CA GLU A 90 6.82 -5.70 -17.98
C GLU A 90 7.45 -7.03 -17.59
N ALA A 91 8.67 -6.98 -17.06
CA ALA A 91 9.38 -8.18 -16.59
C ALA A 91 8.67 -8.76 -15.39
N VAL A 92 8.10 -7.86 -14.58
CA VAL A 92 7.54 -8.19 -13.28
C VAL A 92 6.17 -8.82 -13.35
N LYS A 93 5.37 -8.36 -14.31
CA LYS A 93 4.01 -8.86 -14.52
C LYS A 93 4.01 -10.33 -14.86
N ASN B 2 22.74 19.78 -11.82
CA ASN B 2 21.33 19.24 -11.79
C ASN B 2 21.17 17.75 -11.48
N ALA B 3 20.33 17.12 -12.28
CA ALA B 3 19.99 15.70 -12.14
C ALA B 3 21.17 14.78 -12.52
N MET B 4 20.95 13.47 -12.40
CA MET B 4 21.96 12.49 -12.69
C MET B 4 21.38 11.30 -13.46
N ASN B 5 21.70 11.25 -14.74
CA ASN B 5 21.34 10.13 -15.55
C ASN B 5 22.34 8.97 -15.38
N LYS B 6 22.11 7.92 -16.14
CA LYS B 6 22.93 6.72 -16.02
C LYS B 6 24.37 7.02 -16.29
N THR B 7 24.65 7.70 -17.42
CA THR B 7 26.03 7.92 -17.80
C THR B 7 26.76 8.78 -16.75
N GLU B 8 26.08 9.81 -16.22
CA GLU B 8 26.54 10.64 -15.10
C GLU B 8 26.87 9.84 -13.81
N LEU B 9 25.99 8.91 -13.45
CA LEU B 9 26.21 8.06 -12.28
C LEU B 9 27.45 7.21 -12.41
N ILE B 10 27.64 6.59 -13.59
CA ILE B 10 28.81 5.76 -13.87
C ILE B 10 30.08 6.60 -13.64
N LYS B 11 30.11 7.77 -14.28
CA LYS B 11 31.28 8.62 -14.19
C LYS B 11 31.49 9.11 -12.77
N ASN B 12 30.42 9.22 -11.96
CA ASN B 12 30.64 9.61 -10.58
C ASN B 12 31.21 8.49 -9.66
N VAL B 13 30.96 7.25 -10.07
CA VAL B 13 31.36 6.03 -9.38
C VAL B 13 32.82 5.77 -9.72
N ALA B 14 33.16 5.85 -11.01
CA ALA B 14 34.56 5.81 -11.44
C ALA B 14 35.42 6.80 -10.67
N GLN B 15 35.05 8.08 -10.69
CA GLN B 15 35.75 9.13 -9.94
C GLN B 15 35.88 8.80 -8.46
N ASN B 16 34.78 8.35 -7.85
CA ASN B 16 34.73 8.24 -6.39
C ASN B 16 35.23 6.97 -5.80
N ALA B 17 35.16 5.89 -6.57
CA ALA B 17 35.75 4.64 -6.19
C ALA B 17 37.19 4.54 -6.76
N GLU B 18 37.53 5.46 -7.67
CA GLU B 18 38.84 5.46 -8.37
C GLU B 18 39.13 4.11 -9.03
N ILE B 19 38.19 3.73 -9.86
CA ILE B 19 38.27 2.59 -10.72
C ILE B 19 38.14 3.23 -12.09
N SER B 20 38.04 2.43 -13.13
CA SER B 20 37.96 2.93 -14.50
C SER B 20 36.52 3.02 -15.02
N GLN B 21 36.38 3.81 -16.08
CA GLN B 21 35.10 4.06 -16.74
C GLN B 21 34.33 2.78 -17.10
N LYS B 22 35.08 1.79 -17.58
CA LYS B 22 34.57 0.48 -17.96
C LYS B 22 34.17 -0.38 -16.77
N GLU B 23 34.93 -0.34 -15.69
CA GLU B 23 34.58 -1.13 -14.53
C GLU B 23 33.30 -0.62 -13.87
N ALA B 24 33.27 0.68 -13.62
CA ALA B 24 32.08 1.42 -13.19
C ALA B 24 30.82 1.09 -14.02
N THR B 25 30.99 0.91 -15.33
CA THR B 25 29.86 0.59 -16.23
C THR B 25 29.39 -0.84 -15.93
N VAL B 26 30.34 -1.72 -15.71
CA VAL B 26 30.07 -3.12 -15.41
C VAL B 26 29.32 -3.21 -14.07
N VAL B 27 29.76 -2.46 -13.07
CA VAL B 27 29.10 -2.52 -11.76
C VAL B 27 27.68 -1.94 -11.79
N VAL B 28 27.53 -0.72 -12.27
CA VAL B 28 26.18 -0.18 -12.44
C VAL B 28 25.30 -1.05 -13.36
N GLN B 29 25.80 -1.49 -14.50
CA GLN B 29 24.95 -2.33 -15.31
C GLN B 29 24.50 -3.55 -14.50
N THR B 30 25.39 -4.07 -13.65
CA THR B 30 25.12 -5.26 -12.84
C THR B 30 24.03 -5.00 -11.78
N VAL B 31 24.09 -3.82 -11.17
CA VAL B 31 23.10 -3.44 -10.13
C VAL B 31 21.70 -3.40 -10.72
N VAL B 32 21.63 -2.84 -11.92
CA VAL B 32 20.42 -2.73 -12.70
C VAL B 32 19.87 -4.10 -13.06
N GLU B 33 20.70 -4.94 -13.66
CA GLU B 33 20.32 -6.28 -14.14
C GLU B 33 20.02 -7.21 -13.03
N SER B 34 20.72 -7.06 -11.92
CA SER B 34 20.48 -7.90 -10.76
C SER B 34 19.11 -7.65 -10.16
N ILE B 35 18.78 -6.40 -9.92
CA ILE B 35 17.50 -6.12 -9.33
C ILE B 35 16.40 -6.57 -10.29
N THR B 36 16.54 -6.24 -11.58
CA THR B 36 15.57 -6.64 -12.60
C THR B 36 15.38 -8.17 -12.59
N ASN B 37 16.47 -8.92 -12.48
CA ASN B 37 16.39 -10.36 -12.53
C ASN B 37 15.78 -10.94 -11.26
N THR B 38 16.03 -10.30 -10.11
CA THR B 38 15.41 -10.71 -8.86
C THR B 38 13.88 -10.46 -8.83
N LEU B 39 13.47 -9.29 -9.31
CA LEU B 39 12.05 -8.97 -9.26
C LEU B 39 11.29 -9.77 -10.27
N ALA B 40 11.89 -10.00 -11.46
CA ALA B 40 11.28 -10.83 -12.51
C ALA B 40 11.12 -12.23 -12.01
N ALA B 41 11.98 -12.64 -11.07
CA ALA B 41 11.88 -13.94 -10.42
C ALA B 41 10.89 -13.96 -9.26
N GLY B 42 10.39 -12.78 -8.87
CA GLY B 42 9.35 -12.64 -7.82
C GLY B 42 9.96 -12.52 -6.45
N GLU B 43 11.27 -12.34 -6.42
CA GLU B 43 12.06 -12.31 -5.18
C GLU B 43 12.35 -10.88 -4.70
N LYS B 44 12.88 -10.77 -3.48
CA LYS B 44 13.24 -9.51 -2.82
C LYS B 44 14.77 -9.23 -2.85
N VAL B 45 15.15 -7.96 -2.85
CA VAL B 45 16.56 -7.60 -2.82
C VAL B 45 16.79 -6.34 -2.03
N GLN B 46 17.58 -6.45 -0.97
CA GLN B 46 17.94 -5.29 -0.14
C GLN B 46 19.28 -4.72 -0.58
N LEU B 47 19.26 -3.45 -0.93
CA LEU B 47 20.45 -2.71 -1.23
C LEU B 47 20.68 -1.85 -0.01
N ILE B 48 21.48 -2.32 0.97
CA ILE B 48 21.50 -1.65 2.31
C ILE B 48 22.26 -0.34 2.31
N GLY B 49 21.84 0.51 3.24
CA GLY B 49 22.17 1.94 3.23
C GLY B 49 21.17 2.69 2.38
N PHE B 50 20.28 1.92 1.72
CA PHE B 50 19.45 2.46 0.72
C PHE B 50 17.99 2.07 0.88
N GLY B 51 17.63 0.85 0.46
CA GLY B 51 16.31 0.28 0.73
C GLY B 51 16.06 -1.09 0.11
N THR B 52 14.79 -1.44 -0.08
CA THR B 52 14.39 -2.77 -0.57
C THR B 52 13.54 -2.69 -1.86
N PHE B 53 13.84 -3.60 -2.79
CA PHE B 53 13.10 -3.77 -4.02
C PHE B 53 12.45 -5.12 -3.93
N GLU B 54 11.15 -5.12 -4.21
CA GLU B 54 10.35 -6.32 -4.32
C GLU B 54 9.22 -6.14 -5.34
N VAL B 55 8.38 -7.16 -5.41
CA VAL B 55 7.24 -7.21 -6.25
C VAL B 55 6.04 -7.08 -5.32
N ARG B 56 5.12 -6.22 -5.68
CA ARG B 56 4.00 -5.93 -4.85
C ARG B 56 2.79 -6.43 -5.60
N GLU B 57 2.10 -7.40 -5.01
CA GLU B 57 0.88 -7.90 -5.62
C GLU B 57 -0.24 -6.88 -5.44
N ARG B 58 -1.03 -6.73 -6.49
CA ARG B 58 -2.14 -5.78 -6.51
C ARG B 58 -3.39 -6.54 -6.88
N ALA B 59 -4.50 -6.15 -6.25
CA ALA B 59 -5.81 -6.56 -6.71
C ALA B 59 -6.55 -5.33 -7.28
N ALA B 60 -7.83 -5.50 -7.61
CA ALA B 60 -8.54 -4.51 -8.38
C ALA B 60 -8.97 -3.33 -7.54
N ARG B 61 -8.46 -2.14 -7.82
CA ARG B 61 -9.19 -0.97 -7.34
C ARG B 61 -10.44 -1.02 -8.15
N THR B 62 -11.38 -0.12 -7.88
CA THR B 62 -12.36 0.25 -8.90
C THR B 62 -11.63 1.35 -9.74
N GLY B 63 -12.19 2.56 -9.87
CA GLY B 63 -11.42 3.70 -10.39
C GLY B 63 -12.06 4.47 -11.52
N GLN B 67 -12.21 9.72 -16.85
CA GLN B 67 -12.96 10.72 -16.10
C GLN B 67 -14.27 10.96 -16.81
N THR B 68 -14.97 9.89 -17.14
CA THR B 68 -16.36 9.96 -17.63
C THR B 68 -17.36 9.77 -16.46
N GLY B 69 -16.80 9.49 -15.30
CA GLY B 69 -17.54 9.04 -14.14
C GLY B 69 -17.05 7.66 -13.70
N GLU B 70 -16.72 6.83 -14.70
CA GLU B 70 -16.77 5.36 -14.57
C GLU B 70 -15.91 4.74 -13.46
N GLU B 71 -16.57 3.81 -12.77
CA GLU B 71 -15.91 2.86 -11.89
C GLU B 71 -15.71 1.55 -12.68
N MET B 72 -14.70 1.56 -13.55
CA MET B 72 -14.28 0.36 -14.24
C MET B 72 -13.48 -0.49 -13.25
N GLN B 73 -13.49 -1.79 -13.48
CA GLN B 73 -12.74 -2.68 -12.66
C GLN B 73 -11.42 -2.87 -13.35
N ILE B 74 -10.36 -2.41 -12.69
CA ILE B 74 -8.98 -2.65 -13.14
C ILE B 74 -8.51 -3.98 -12.59
N ALA B 75 -7.81 -4.74 -13.44
CA ALA B 75 -7.32 -6.05 -13.11
C ALA B 75 -6.20 -6.05 -12.07
N ALA B 76 -6.14 -7.17 -11.35
CA ALA B 76 -5.07 -7.56 -10.44
C ALA B 76 -3.74 -7.52 -11.16
N SER B 77 -2.69 -7.01 -10.52
CA SER B 77 -1.37 -7.04 -11.15
C SER B 77 -0.19 -7.02 -10.17
N LYS B 78 0.94 -7.56 -10.65
CA LYS B 78 2.21 -7.41 -9.95
C LYS B 78 2.92 -6.20 -10.51
N VAL B 79 3.34 -5.30 -9.62
CA VAL B 79 4.12 -4.14 -9.99
C VAL B 79 5.40 -4.15 -9.16
N PRO B 80 6.44 -3.44 -9.61
CA PRO B 80 7.63 -3.24 -8.80
C PRO B 80 7.42 -2.28 -7.61
N ALA B 81 8.25 -2.39 -6.58
CA ALA B 81 8.08 -1.60 -5.37
C ALA B 81 9.40 -1.38 -4.69
N PHE B 82 9.57 -0.17 -4.16
CA PHE B 82 10.78 0.22 -3.43
C PHE B 82 10.47 0.72 -2.02
N LYS B 83 11.14 0.16 -1.01
CA LYS B 83 10.92 0.54 0.39
C LYS B 83 12.21 1.17 0.87
N ALA B 84 12.17 2.50 1.01
CA ALA B 84 13.29 3.28 1.43
C ALA B 84 13.62 2.94 2.83
N GLY B 85 14.91 2.82 3.17
CA GLY B 85 15.35 2.47 4.53
C GLY B 85 15.49 3.74 5.33
N LYS B 86 15.75 3.63 6.63
CA LYS B 86 15.98 4.77 7.50
C LYS B 86 17.06 5.76 7.03
N GLU B 87 18.22 5.26 6.55
CA GLU B 87 19.35 6.13 6.12
C GLU B 87 18.94 7.01 4.99
N LEU B 88 18.29 6.42 3.98
CA LEU B 88 17.82 7.19 2.85
C LEU B 88 16.81 8.24 3.29
N LYS B 89 15.90 7.86 4.18
CA LYS B 89 14.89 8.81 4.64
C LYS B 89 15.48 9.96 5.43
N GLU B 90 16.61 9.73 6.10
CA GLU B 90 17.25 10.79 6.91
C GLU B 90 18.16 11.71 6.10
N ALA B 91 18.73 11.19 5.01
CA ALA B 91 19.61 11.95 4.11
C ALA B 91 18.81 13.01 3.38
N VAL B 92 17.60 12.62 3.01
CA VAL B 92 16.73 13.38 2.11
C VAL B 92 15.82 14.41 2.83
N LYS B 93 15.51 14.19 4.11
CA LYS B 93 14.52 15.02 4.79
C LYS B 93 14.99 16.48 5.01
N MET C 4 -23.82 8.08 3.53
CA MET C 4 -22.68 8.56 2.67
C MET C 4 -22.37 7.58 1.52
N ASN C 5 -21.99 8.13 0.36
CA ASN C 5 -21.42 7.28 -0.69
C ASN C 5 -19.95 7.20 -0.50
N LYS C 6 -19.35 6.39 -1.36
CA LYS C 6 -17.94 6.48 -1.64
C LYS C 6 -17.55 7.93 -1.36
N THR C 7 -18.12 8.85 -2.14
CA THR C 7 -17.69 10.25 -2.20
C THR C 7 -17.82 11.12 -0.92
N GLU C 8 -18.87 10.94 -0.12
CA GLU C 8 -18.99 11.73 1.13
C GLU C 8 -17.97 11.36 2.22
N LEU C 9 -17.38 10.17 2.09
CA LEU C 9 -16.21 9.81 2.88
C LEU C 9 -14.96 10.51 2.33
N ILE C 10 -14.84 10.56 1.00
CA ILE C 10 -13.67 11.11 0.34
C ILE C 10 -13.46 12.59 0.65
N LYS C 11 -14.55 13.34 0.77
CA LYS C 11 -14.48 14.79 1.07
C LYS C 11 -13.89 14.98 2.46
N ASN C 12 -14.40 14.20 3.41
CA ASN C 12 -13.90 14.22 4.79
C ASN C 12 -12.37 14.14 4.84
N VAL C 13 -11.84 13.21 4.05
CA VAL C 13 -10.41 13.10 3.79
C VAL C 13 -9.83 14.37 3.19
N ALA C 14 -10.40 14.84 2.09
CA ALA C 14 -9.85 16.00 1.39
C ALA C 14 -9.84 17.17 2.33
N GLN C 15 -10.92 17.30 3.10
CA GLN C 15 -11.07 18.37 4.05
C GLN C 15 -10.11 18.25 5.23
N ASN C 16 -10.11 17.10 5.89
CA ASN C 16 -9.29 16.94 7.07
C ASN C 16 -7.83 17.06 6.75
N ALA C 17 -7.45 16.40 5.65
CA ALA C 17 -6.08 16.24 5.27
C ALA C 17 -5.59 17.37 4.40
N GLU C 18 -6.48 18.28 4.03
CA GLU C 18 -6.15 19.42 3.16
C GLU C 18 -5.48 19.04 1.84
N ILE C 19 -6.18 18.25 1.04
CA ILE C 19 -5.71 17.88 -0.27
C ILE C 19 -6.89 17.85 -1.21
N SER C 20 -6.62 17.97 -2.51
CA SER C 20 -7.67 17.93 -3.52
C SER C 20 -8.42 16.62 -3.41
N GLN C 21 -9.60 16.57 -4.02
CA GLN C 21 -10.44 15.37 -3.98
C GLN C 21 -9.81 14.26 -4.84
N LYS C 22 -9.16 14.67 -5.94
CA LYS C 22 -8.37 13.77 -6.77
C LYS C 22 -7.45 12.95 -5.88
N GLU C 23 -6.64 13.65 -5.08
CA GLU C 23 -5.73 12.99 -4.14
C GLU C 23 -6.45 12.16 -3.07
N ALA C 24 -7.60 12.65 -2.58
CA ALA C 24 -8.36 11.96 -1.53
C ALA C 24 -8.85 10.61 -2.01
N THR C 25 -9.36 10.59 -3.23
CA THR C 25 -9.76 9.36 -3.85
C THR C 25 -8.57 8.37 -3.93
N VAL C 26 -7.49 8.77 -4.61
CA VAL C 26 -6.28 7.93 -4.69
C VAL C 26 -5.88 7.40 -3.32
N VAL C 27 -5.94 8.25 -2.33
CA VAL C 27 -5.42 7.94 -1.01
C VAL C 27 -6.35 6.96 -0.34
N VAL C 28 -7.66 7.15 -0.49
CA VAL C 28 -8.65 6.20 0.04
C VAL C 28 -8.66 4.85 -0.65
N GLN C 29 -8.39 4.80 -1.96
CA GLN C 29 -8.35 3.50 -2.63
C GLN C 29 -7.09 2.82 -2.16
N THR C 30 -6.11 3.61 -1.73
CA THR C 30 -4.91 2.99 -1.17
C THR C 30 -5.30 2.26 0.11
N VAL C 31 -6.16 2.87 0.92
CA VAL C 31 -6.67 2.21 2.14
C VAL C 31 -7.40 0.92 1.79
N VAL C 32 -8.34 1.03 0.87
CA VAL C 32 -9.14 -0.11 0.40
C VAL C 32 -8.21 -1.19 -0.11
N GLU C 33 -7.15 -0.81 -0.80
CA GLU C 33 -6.22 -1.79 -1.43
C GLU C 33 -5.39 -2.58 -0.41
N SER C 34 -5.01 -1.94 0.69
CA SER C 34 -4.19 -2.62 1.73
C SER C 34 -5.02 -3.63 2.52
N ILE C 35 -6.27 -3.24 2.79
CA ILE C 35 -7.21 -4.13 3.45
C ILE C 35 -7.48 -5.32 2.53
N THR C 36 -7.90 -5.01 1.30
CA THR C 36 -8.19 -6.02 0.28
C THR C 36 -7.01 -6.97 0.10
N ASN C 37 -5.78 -6.41 0.00
CA ASN C 37 -4.58 -7.25 -0.29
C ASN C 37 -4.30 -8.27 0.79
N THR C 38 -4.43 -7.82 2.03
CA THR C 38 -4.22 -8.65 3.20
C THR C 38 -5.28 -9.75 3.23
N LEU C 39 -6.55 -9.38 3.12
CA LEU C 39 -7.59 -10.41 3.09
C LEU C 39 -7.38 -11.43 1.91
N ALA C 40 -7.03 -10.93 0.70
CA ALA C 40 -6.76 -11.81 -0.47
C ALA C 40 -5.70 -12.89 -0.18
N ALA C 41 -4.79 -12.56 0.74
CA ALA C 41 -3.75 -13.48 1.24
C ALA C 41 -4.14 -14.32 2.46
N GLY C 42 -5.41 -14.27 2.86
CA GLY C 42 -5.93 -15.05 4.01
C GLY C 42 -5.51 -14.66 5.44
N GLU C 43 -5.03 -13.43 5.61
CA GLU C 43 -4.75 -12.90 6.95
C GLU C 43 -5.87 -11.97 7.44
N LYS C 44 -5.89 -11.68 8.74
CA LYS C 44 -6.90 -10.76 9.36
C LYS C 44 -6.42 -9.31 9.47
N VAL C 45 -7.36 -8.36 9.50
CA VAL C 45 -7.06 -6.92 9.68
C VAL C 45 -7.73 -6.37 10.95
N GLN C 46 -7.00 -6.25 12.05
CA GLN C 46 -7.55 -5.75 13.32
C GLN C 46 -7.40 -4.25 13.39
N LEU C 47 -8.52 -3.52 13.45
CA LEU C 47 -8.52 -2.08 13.70
C LEU C 47 -9.06 -1.79 15.07
N ILE C 48 -8.16 -1.32 15.91
CA ILE C 48 -8.36 -1.29 17.32
C ILE C 48 -9.58 -0.40 17.65
N GLY C 49 -10.47 -0.94 18.50
CA GLY C 49 -11.71 -0.27 18.90
C GLY C 49 -12.82 -0.35 17.86
N PHE C 50 -12.43 -0.25 16.60
CA PHE C 50 -13.33 -0.26 15.47
C PHE C 50 -13.81 -1.65 15.09
N GLY C 51 -12.87 -2.56 14.83
CA GLY C 51 -13.18 -3.95 14.59
C GLY C 51 -12.18 -4.64 13.67
N THR C 52 -12.56 -5.83 13.21
CA THR C 52 -11.64 -6.77 12.60
C THR C 52 -12.28 -7.39 11.38
N PHE C 53 -11.49 -7.55 10.32
CA PHE C 53 -11.93 -8.18 9.09
C PHE C 53 -11.27 -9.52 8.93
N GLU C 54 -11.86 -10.38 8.10
CA GLU C 54 -11.47 -11.76 8.06
C GLU C 54 -12.22 -12.49 6.97
N VAL C 55 -11.55 -13.42 6.31
CA VAL C 55 -12.18 -14.30 5.32
C VAL C 55 -12.61 -15.63 5.95
N ARG C 56 -13.80 -16.07 5.58
CA ARG C 56 -14.38 -17.33 6.03
C ARG C 56 -14.22 -18.30 4.87
N GLU C 57 -13.48 -19.37 5.09
CA GLU C 57 -13.34 -20.41 4.06
C GLU C 57 -14.21 -21.60 4.31
N ARG C 58 -15.01 -21.91 3.31
CA ARG C 58 -15.97 -22.98 3.36
C ARG C 58 -15.71 -23.82 2.12
N ALA C 59 -15.64 -25.13 2.31
CA ALA C 59 -15.14 -26.06 1.31
C ALA C 59 -16.21 -26.58 0.32
N ALA C 60 -15.70 -27.09 -0.80
CA ALA C 60 -16.53 -27.75 -1.78
C ALA C 60 -17.08 -29.01 -1.14
N ARG C 61 -18.30 -29.34 -1.54
CA ARG C 61 -18.98 -30.52 -1.05
C ARG C 61 -20.19 -30.85 -1.93
N THR C 62 -20.91 -31.87 -1.55
CA THR C 62 -22.07 -32.27 -2.32
C THR C 62 -23.33 -32.12 -1.49
N GLY C 63 -24.15 -31.12 -1.85
CA GLY C 63 -25.44 -30.92 -1.22
C GLY C 63 -26.55 -31.61 -2.00
N ARG C 64 -27.74 -31.02 -1.95
CA ARG C 64 -28.94 -31.69 -2.40
C ARG C 64 -29.96 -30.61 -2.72
N ASN C 65 -30.45 -30.60 -3.95
CA ASN C 65 -31.43 -29.60 -4.38
C ASN C 65 -32.72 -29.71 -3.57
N PRO C 66 -33.17 -28.60 -2.97
CA PRO C 66 -34.31 -28.63 -2.08
C PRO C 66 -35.66 -28.86 -2.79
N GLN C 67 -35.71 -28.64 -4.11
CA GLN C 67 -36.94 -28.77 -4.89
C GLN C 67 -37.07 -30.09 -5.66
N THR C 68 -35.93 -30.59 -6.15
CA THR C 68 -35.92 -31.83 -6.92
C THR C 68 -35.37 -33.01 -6.13
N GLY C 69 -34.68 -32.75 -5.04
CA GLY C 69 -33.98 -33.79 -4.31
C GLY C 69 -32.76 -34.33 -5.03
N GLU C 70 -32.44 -33.76 -6.19
CA GLU C 70 -31.31 -34.27 -6.98
C GLU C 70 -30.02 -33.83 -6.29
N GLU C 71 -29.00 -34.67 -6.37
CA GLU C 71 -27.68 -34.40 -5.80
C GLU C 71 -26.95 -33.27 -6.54
N MET C 72 -26.40 -32.34 -5.77
CA MET C 72 -26.03 -31.02 -6.26
C MET C 72 -24.70 -30.59 -5.64
N GLN C 73 -23.73 -30.29 -6.51
CA GLN C 73 -22.44 -29.75 -6.10
C GLN C 73 -22.56 -28.32 -5.51
N ILE C 74 -21.88 -28.10 -4.38
CA ILE C 74 -21.87 -26.81 -3.75
C ILE C 74 -20.46 -26.25 -3.79
N ALA C 75 -20.26 -25.16 -4.53
CA ALA C 75 -18.90 -24.66 -4.72
C ALA C 75 -18.28 -24.15 -3.39
N ALA C 76 -16.94 -24.16 -3.35
CA ALA C 76 -16.16 -23.53 -2.28
C ALA C 76 -16.34 -22.04 -2.34
N SER C 77 -16.24 -21.36 -1.21
CA SER C 77 -16.47 -19.94 -1.23
C SER C 77 -15.54 -19.28 -0.28
N LYS C 78 -15.37 -17.98 -0.48
CA LYS C 78 -14.61 -17.22 0.48
C LYS C 78 -15.42 -15.99 0.87
N VAL C 79 -15.97 -16.02 2.07
CA VAL C 79 -16.76 -14.93 2.63
C VAL C 79 -15.92 -13.94 3.45
N PRO C 80 -15.76 -12.70 2.93
CA PRO C 80 -15.16 -11.67 3.78
C PRO C 80 -16.15 -11.18 4.86
N ALA C 81 -15.74 -11.27 6.13
CA ALA C 81 -16.62 -10.95 7.26
C ALA C 81 -16.02 -9.90 8.18
N PHE C 82 -16.87 -9.28 9.00
CA PHE C 82 -16.45 -8.23 9.89
C PHE C 82 -17.02 -8.45 11.29
N LYS C 83 -16.18 -8.29 12.31
CA LYS C 83 -16.61 -8.36 13.67
C LYS C 83 -16.35 -7.01 14.33
N ALA C 84 -17.41 -6.30 14.69
CA ALA C 84 -17.35 -4.96 15.20
C ALA C 84 -16.61 -4.85 16.54
N GLY C 85 -15.87 -3.77 16.72
CA GLY C 85 -15.16 -3.51 17.98
C GLY C 85 -16.03 -2.79 19.00
N LYS C 86 -15.52 -2.68 20.22
CA LYS C 86 -16.26 -2.08 21.33
C LYS C 86 -16.59 -0.60 21.13
N GLU C 87 -15.63 0.18 20.63
CA GLU C 87 -15.86 1.62 20.42
C GLU C 87 -17.05 1.78 19.47
N LEU C 88 -17.02 0.97 18.43
CA LEU C 88 -17.95 1.12 17.39
C LEU C 88 -19.33 0.61 17.86
N LYS C 89 -19.33 -0.42 18.68
CA LYS C 89 -20.60 -1.00 19.04
C LYS C 89 -21.39 -0.04 19.88
N GLU C 90 -20.66 0.74 20.65
CA GLU C 90 -21.25 1.62 21.62
C GLU C 90 -21.66 2.95 21.01
N ALA C 91 -20.92 3.41 20.02
CA ALA C 91 -21.30 4.58 19.22
C ALA C 91 -22.67 4.34 18.53
N VAL C 92 -22.98 3.07 18.26
CA VAL C 92 -24.11 2.65 17.42
C VAL C 92 -25.42 2.36 18.17
N LYS C 93 -25.32 1.95 19.42
CA LYS C 93 -26.44 1.61 20.31
C LYS C 93 -27.64 2.59 20.29
N MET D 4 -2.55 -8.02 9.93
CA MET D 4 -2.32 -6.57 9.69
C MET D 4 -2.92 -5.67 10.78
N ASN D 5 -2.08 -4.83 11.37
CA ASN D 5 -2.43 -3.95 12.48
C ASN D 5 -2.97 -2.66 11.98
N LYS D 6 -3.50 -1.83 12.87
CA LYS D 6 -3.85 -0.46 12.49
C LYS D 6 -2.60 0.42 12.16
N THR D 7 -1.56 0.34 12.98
CA THR D 7 -0.31 1.04 12.68
C THR D 7 0.39 0.44 11.45
N GLU D 8 0.30 -0.87 11.27
CA GLU D 8 0.75 -1.48 10.02
C GLU D 8 -0.02 -0.99 8.76
N LEU D 9 -1.35 -0.84 8.90
CA LEU D 9 -2.15 -0.28 7.82
C LEU D 9 -1.68 1.15 7.48
N ILE D 10 -1.44 1.97 8.52
CA ILE D 10 -0.85 3.31 8.31
C ILE D 10 0.52 3.31 7.56
N LYS D 11 1.47 2.51 8.02
CA LYS D 11 2.73 2.28 7.28
C LYS D 11 2.55 1.85 5.82
N ASN D 12 1.74 0.82 5.60
CA ASN D 12 1.52 0.36 4.23
C ASN D 12 0.88 1.42 3.32
N VAL D 13 0.01 2.24 3.88
CA VAL D 13 -0.63 3.29 3.11
C VAL D 13 0.38 4.38 2.71
N ALA D 14 1.25 4.76 3.64
CA ALA D 14 2.26 5.79 3.35
C ALA D 14 3.26 5.27 2.35
N GLN D 15 3.65 4.02 2.52
CA GLN D 15 4.49 3.36 1.56
C GLN D 15 3.86 3.42 0.16
N ASN D 16 2.63 2.98 0.02
CA ASN D 16 2.05 2.79 -1.30
C ASN D 16 1.49 4.07 -1.90
N ALA D 17 0.92 4.93 -1.06
CA ALA D 17 0.41 6.21 -1.57
C ALA D 17 1.58 7.19 -1.77
N GLU D 18 2.74 6.82 -1.21
CA GLU D 18 3.97 7.60 -1.22
C GLU D 18 3.78 8.89 -0.49
N ILE D 19 3.32 8.78 0.76
CA ILE D 19 3.05 9.93 1.65
C ILE D 19 3.70 9.89 3.05
N SER D 20 3.44 10.89 3.88
CA SER D 20 4.08 10.90 5.17
C SER D 20 3.30 10.07 6.16
N GLN D 21 4.00 9.62 7.19
CA GLN D 21 3.36 8.96 8.31
C GLN D 21 2.13 9.69 8.85
N LYS D 22 2.27 10.99 9.10
CA LYS D 22 1.16 11.81 9.61
C LYS D 22 -0.08 11.85 8.69
N GLU D 23 0.16 12.02 7.40
CA GLU D 23 -0.89 12.01 6.37
C GLU D 23 -1.66 10.69 6.38
N ALA D 24 -0.94 9.59 6.18
CA ALA D 24 -1.56 8.29 6.31
C ALA D 24 -2.34 8.15 7.61
N THR D 25 -1.89 8.85 8.67
CA THR D 25 -2.54 8.71 9.98
C THR D 25 -3.86 9.41 9.93
N VAL D 26 -3.82 10.65 9.50
CA VAL D 26 -5.03 11.43 9.35
C VAL D 26 -6.07 10.71 8.44
N VAL D 27 -5.61 10.08 7.36
CA VAL D 27 -6.48 9.51 6.34
C VAL D 27 -7.19 8.30 6.86
N VAL D 28 -6.42 7.42 7.50
CA VAL D 28 -6.97 6.22 8.09
C VAL D 28 -7.97 6.58 9.19
N GLN D 29 -7.64 7.59 9.98
CA GLN D 29 -8.49 7.96 11.10
C GLN D 29 -9.78 8.53 10.59
N THR D 30 -9.71 9.51 9.68
CA THR D 30 -10.91 10.00 9.04
C THR D 30 -11.76 8.79 8.63
N VAL D 31 -11.20 7.88 7.84
CA VAL D 31 -11.92 6.70 7.38
C VAL D 31 -12.70 6.05 8.52
N VAL D 32 -12.02 5.87 9.65
CA VAL D 32 -12.60 5.21 10.78
C VAL D 32 -13.64 6.08 11.47
N GLU D 33 -13.41 7.39 11.50
CA GLU D 33 -14.31 8.28 12.24
C GLU D 33 -15.61 8.48 11.48
N SER D 34 -15.47 8.66 10.16
CA SER D 34 -16.59 8.82 9.22
C SER D 34 -17.62 7.70 9.32
N ILE D 35 -17.12 6.50 9.16
CA ILE D 35 -17.93 5.33 9.23
C ILE D 35 -18.60 5.28 10.58
N THR D 36 -17.82 5.53 11.63
CA THR D 36 -18.38 5.49 12.95
C THR D 36 -19.51 6.53 13.11
N ASN D 37 -19.27 7.76 12.63
CA ASN D 37 -20.22 8.87 12.86
C ASN D 37 -21.51 8.68 12.10
N THR D 38 -21.37 8.12 10.92
CA THR D 38 -22.49 7.87 10.06
C THR D 38 -23.38 6.75 10.62
N LEU D 39 -22.73 5.73 11.16
CA LEU D 39 -23.43 4.65 11.82
C LEU D 39 -24.07 5.11 13.13
N ALA D 40 -23.38 5.95 13.88
CA ALA D 40 -23.94 6.53 15.10
C ALA D 40 -25.23 7.31 14.80
N ALA D 41 -25.25 7.95 13.63
CA ALA D 41 -26.44 8.63 13.16
C ALA D 41 -27.45 7.66 12.49
N GLY D 42 -27.13 6.37 12.43
CA GLY D 42 -28.01 5.39 11.80
C GLY D 42 -28.10 5.42 10.29
N GLU D 43 -27.12 5.98 9.61
CA GLU D 43 -27.12 5.95 8.15
C GLU D 43 -26.26 4.78 7.60
N LYS D 44 -26.47 4.43 6.33
CA LYS D 44 -25.60 3.50 5.59
C LYS D 44 -24.33 4.17 5.06
N VAL D 45 -23.23 3.43 4.99
CA VAL D 45 -21.97 3.94 4.42
C VAL D 45 -21.50 3.05 3.29
N GLN D 46 -21.97 3.37 2.08
CA GLN D 46 -21.73 2.60 0.85
C GLN D 46 -20.38 3.00 0.28
N LEU D 47 -19.51 2.01 0.18
CA LEU D 47 -18.15 2.23 -0.26
C LEU D 47 -17.77 1.21 -1.36
N ILE D 48 -17.83 1.66 -2.61
CA ILE D 48 -17.42 0.79 -3.73
C ILE D 48 -15.90 0.48 -3.73
N GLY D 49 -15.60 -0.72 -4.24
CA GLY D 49 -14.31 -1.31 -4.09
C GLY D 49 -14.35 -2.22 -2.90
N PHE D 50 -15.24 -1.95 -1.97
CA PHE D 50 -15.13 -2.63 -0.71
C PHE D 50 -16.43 -3.27 -0.16
N GLY D 51 -17.38 -2.43 0.23
CA GLY D 51 -18.67 -2.92 0.65
C GLY D 51 -19.49 -1.88 1.40
N THR D 52 -20.42 -2.36 2.23
CA THR D 52 -21.37 -1.48 2.91
C THR D 52 -21.52 -1.76 4.40
N PHE D 53 -21.40 -0.68 5.16
CA PHE D 53 -21.56 -0.73 6.58
C PHE D 53 -22.92 -0.20 6.90
N GLU D 54 -23.63 -0.91 7.76
CA GLU D 54 -24.96 -0.45 8.11
C GLU D 54 -25.24 -0.84 9.56
N VAL D 55 -26.26 -0.21 10.13
CA VAL D 55 -26.68 -0.55 11.46
C VAL D 55 -27.87 -1.48 11.39
N ARG D 56 -27.73 -2.69 11.92
CA ARG D 56 -28.82 -3.65 11.92
C ARG D 56 -29.48 -3.75 13.29
N GLU D 57 -30.82 -3.83 13.26
CA GLU D 57 -31.68 -3.76 14.44
C GLU D 57 -32.20 -5.16 14.80
N ARG D 58 -31.69 -5.71 15.89
CA ARG D 58 -32.07 -7.05 16.38
C ARG D 58 -33.18 -6.98 17.42
N ALA D 59 -34.33 -7.60 17.11
CA ALA D 59 -35.44 -7.67 18.05
C ALA D 59 -35.07 -8.58 19.23
N ALA D 60 -35.80 -8.45 20.35
CA ALA D 60 -35.45 -9.17 21.58
C ALA D 60 -35.31 -10.68 21.36
N ARG D 61 -34.46 -11.33 22.16
CA ARG D 61 -34.32 -12.79 22.10
C ARG D 61 -34.38 -13.51 23.47
N THR D 62 -33.54 -14.54 23.65
CA THR D 62 -33.73 -15.49 24.74
C THR D 62 -32.49 -16.36 24.95
N GLU D 71 -35.02 -18.38 32.25
CA GLU D 71 -34.63 -18.03 30.90
C GLU D 71 -33.61 -16.88 30.97
N MET D 72 -33.48 -16.13 29.88
CA MET D 72 -32.56 -15.01 29.82
C MET D 72 -33.03 -13.96 28.82
N GLN D 73 -33.87 -13.05 29.34
CA GLN D 73 -34.51 -12.00 28.52
CA GLN D 73 -34.49 -12.02 28.50
C GLN D 73 -33.52 -10.95 28.02
N ILE D 74 -32.93 -11.19 26.86
CA ILE D 74 -32.00 -10.30 26.17
C ILE D 74 -32.89 -9.41 25.31
N ALA D 75 -32.90 -8.11 25.59
CA ALA D 75 -33.76 -7.16 24.88
C ALA D 75 -33.18 -6.69 23.50
N ALA D 76 -33.87 -5.77 22.81
CA ALA D 76 -33.51 -5.41 21.44
C ALA D 76 -32.39 -4.37 21.42
N SER D 77 -31.55 -4.40 20.38
CA SER D 77 -30.36 -3.55 20.29
C SER D 77 -30.00 -3.24 18.88
N LYS D 78 -29.37 -2.09 18.66
CA LYS D 78 -28.79 -1.77 17.37
C LYS D 78 -27.32 -2.26 17.33
N VAL D 79 -26.94 -2.98 16.28
CA VAL D 79 -25.54 -3.34 16.07
C VAL D 79 -25.04 -3.05 14.65
N PRO D 80 -23.72 -2.91 14.51
CA PRO D 80 -23.13 -2.65 13.19
C PRO D 80 -23.15 -3.90 12.34
N ALA D 81 -23.16 -3.71 11.03
CA ALA D 81 -23.09 -4.82 10.10
C ALA D 81 -22.35 -4.38 8.84
N PHE D 82 -21.78 -5.36 8.16
CA PHE D 82 -21.03 -5.10 6.97
C PHE D 82 -21.43 -6.09 5.92
N LYS D 83 -21.70 -5.57 4.72
CA LYS D 83 -21.94 -6.39 3.51
C LYS D 83 -20.83 -6.20 2.46
N ALA D 84 -20.03 -7.25 2.24
CA ALA D 84 -19.02 -7.22 1.14
C ALA D 84 -19.61 -6.88 -0.23
N GLY D 85 -18.99 -5.93 -0.93
CA GLY D 85 -19.40 -5.63 -2.30
C GLY D 85 -18.91 -6.74 -3.21
N LYS D 86 -19.58 -6.95 -4.34
CA LYS D 86 -19.17 -7.98 -5.29
C LYS D 86 -17.69 -7.90 -5.68
N GLU D 87 -17.11 -6.72 -5.59
CA GLU D 87 -15.77 -6.54 -6.09
C GLU D 87 -14.69 -6.99 -5.09
N LEU D 88 -14.98 -6.86 -3.80
CA LEU D 88 -14.18 -7.45 -2.74
C LEU D 88 -14.24 -8.99 -2.68
N LYS D 89 -15.42 -9.57 -2.85
CA LYS D 89 -15.56 -11.05 -2.97
C LYS D 89 -14.68 -11.72 -4.05
N GLU D 90 -14.69 -11.15 -5.25
CA GLU D 90 -13.95 -11.70 -6.40
C GLU D 90 -12.50 -11.44 -6.12
N ALA D 91 -12.23 -10.22 -5.68
CA ALA D 91 -10.92 -9.79 -5.28
C ALA D 91 -10.23 -10.77 -4.34
N VAL D 92 -10.98 -11.51 -3.50
CA VAL D 92 -10.36 -12.43 -2.54
C VAL D 92 -10.63 -13.90 -2.80
N LYS D 93 -11.24 -14.23 -3.93
CA LYS D 93 -11.67 -15.60 -4.17
C LYS D 93 -10.47 -16.54 -4.16
#